data_4GFG
#
_entry.id   4GFG
#
_cell.length_a   40.061
_cell.length_b   85.647
_cell.length_c   90.930
_cell.angle_alpha   90.00
_cell.angle_beta   90.00
_cell.angle_gamma   90.00
#
_symmetry.space_group_name_H-M   'P 21 21 21'
#
loop_
_entity.id
_entity.type
_entity.pdbx_description
1 polymer 'Tyrosine-protein kinase SYK'
2 non-polymer 6-{[(1R,2S)-2-aminocyclohexyl]amino}-4-[(5,6-dimethylpyridin-2-yl)amino]pyridazine-3-carboxamide
3 water water
#
_entity_poly.entity_id   1
_entity_poly.type   'polypeptide(L)'
_entity_poly.pdbx_seq_one_letter_code
;MALEEIRPKEVYLDRKLLTLEDKELGSGNFGTVKKGYYQMKKVVKTVAVKILKNEANDPALKDELLAEANVMQQLDNPYI
VRMIGICEAESWMLVMEMAELGPLNKYLQQNRHVKDKNIIELVHQVSMGMKYLEESNFVHRDLAARNVLLVTQHYAKISD
FGLSKALRADENYYKAQTHGKWPVKWYAPECINYYKFSSKSDVWSFGVLMWEAFSYGQKPYRGMKGSEVTAMLEKGERMG
CPAGCPREMYDLMNLCWTYDVENRPGFAAVELRLRNYYYDVVNEGHHHHHH
;
_entity_poly.pdbx_strand_id   A
#
loop_
_chem_comp.id
_chem_comp.type
_chem_comp.name
_chem_comp.formula
0XF non-polymer 6-{[(1R,2S)-2-aminocyclohexyl]amino}-4-[(5,6-dimethylpyridin-2-yl)amino]pyridazine-3-carboxamide 'C18 H25 N7 O'
#
# COMPACT_ATOMS: atom_id res chain seq x y z
N VAL A 11 -3.64 19.57 -13.10
CA VAL A 11 -2.65 18.74 -12.36
C VAL A 11 -1.66 19.64 -11.63
N TYR A 12 -1.32 20.76 -12.25
CA TYR A 12 -0.45 21.76 -11.63
C TYR A 12 -1.25 22.72 -10.76
N LEU A 13 -0.70 23.06 -9.60
CA LEU A 13 -1.43 23.81 -8.59
C LEU A 13 -0.78 25.16 -8.35
N ASP A 14 -1.56 26.08 -7.78
CA ASP A 14 -1.10 27.43 -7.52
C ASP A 14 -0.44 27.52 -6.14
N ARG A 15 0.88 27.68 -6.13
CA ARG A 15 1.65 27.73 -4.89
C ARG A 15 1.06 28.69 -3.87
N LYS A 16 0.42 29.75 -4.34
CA LYS A 16 -0.18 30.72 -3.44
C LYS A 16 -1.60 30.37 -3.06
N LEU A 17 -1.94 29.09 -3.17
CA LEU A 17 -3.15 28.56 -2.57
C LEU A 17 -2.81 27.49 -1.55
N LEU A 18 -1.52 27.17 -1.45
CA LEU A 18 -1.05 26.13 -0.57
C LEU A 18 -0.39 26.69 0.70
N THR A 19 -0.85 26.23 1.85
CA THR A 19 -0.24 26.63 3.11
C THR A 19 0.36 25.43 3.83
N LEU A 20 1.69 25.41 3.92
CA LEU A 20 2.38 24.34 4.63
C LEU A 20 2.51 24.66 6.12
N GLU A 21 2.62 23.61 6.92
CA GLU A 21 2.88 23.77 8.34
C GLU A 21 4.30 23.37 8.67
N ASP A 22 4.98 24.22 9.42
CA ASP A 22 6.38 24.02 9.78
C ASP A 22 6.58 22.62 10.33
N LYS A 23 5.48 21.99 10.75
CA LYS A 23 5.54 20.70 11.42
C LYS A 23 5.63 19.54 10.43
N GLU A 24 6.51 18.59 10.74
CA GLU A 24 6.74 17.44 9.89
C GLU A 24 5.94 16.23 10.40
N LEU A 25 5.41 15.44 9.48
CA LEU A 25 4.60 14.28 9.84
C LEU A 25 5.33 12.96 9.62
N GLY A 26 6.07 12.89 8.52
CA GLY A 26 6.75 11.65 8.17
C GLY A 26 8.03 11.88 7.40
N SER A 27 8.62 10.79 6.89
CA SER A 27 9.86 10.88 6.13
C SER A 27 10.15 9.62 5.32
N GLY A 28 10.83 9.83 4.19
CA GLY A 28 11.33 8.72 3.39
C GLY A 28 12.40 9.27 2.46
N ASN A 29 13.36 8.43 2.06
CA ASN A 29 14.55 8.90 1.38
C ASN A 29 14.26 9.53 0.02
N PHE A 30 13.00 9.95 -0.17
CA PHE A 30 12.62 10.79 -1.28
C PHE A 30 12.60 12.24 -0.80
N GLY A 31 12.25 12.40 0.48
CA GLY A 31 12.07 13.72 1.07
C GLY A 31 11.34 13.62 2.39
N THR A 32 10.24 14.36 2.54
CA THR A 32 9.46 14.34 3.77
C THR A 32 7.97 14.49 3.50
N VAL A 33 7.17 14.23 4.54
CA VAL A 33 5.73 14.44 4.47
C VAL A 33 5.31 15.48 5.50
N LYS A 34 4.64 16.52 5.04
CA LYS A 34 4.17 17.57 5.94
C LYS A 34 2.66 17.76 5.76
N LYS A 35 2.03 18.42 6.71
CA LYS A 35 0.60 18.74 6.58
C LYS A 35 0.41 20.17 6.10
N GLY A 36 -0.67 20.39 5.35
CA GLY A 36 -0.96 21.72 4.88
C GLY A 36 -2.40 21.87 4.40
N TYR A 37 -2.71 23.01 3.80
CA TYR A 37 -4.06 23.29 3.34
C TYR A 37 -4.03 23.84 1.94
N TYR A 38 -4.99 23.41 1.12
CA TYR A 38 -5.14 23.98 -0.21
C TYR A 38 -6.49 24.67 -0.33
N GLN A 39 -6.46 25.97 -0.62
CA GLN A 39 -7.67 26.78 -0.78
C GLN A 39 -8.48 26.31 -1.98
N MET A 40 -9.44 25.44 -1.73
CA MET A 40 -10.29 24.92 -2.81
C MET A 40 -11.18 26.03 -3.35
N LYS A 41 -12.21 25.64 -4.08
CA LYS A 41 -13.10 26.60 -4.71
C LYS A 41 -13.79 27.51 -3.69
N LYS A 42 -14.29 26.93 -2.61
CA LYS A 42 -15.02 27.67 -1.59
C LYS A 42 -14.50 27.36 -0.19
N VAL A 43 -14.23 26.07 0.04
CA VAL A 43 -13.70 25.60 1.31
C VAL A 43 -12.18 25.51 1.27
N VAL A 44 -11.56 25.41 2.43
CA VAL A 44 -10.17 25.01 2.51
C VAL A 44 -10.10 23.49 2.73
N LYS A 45 -9.20 22.83 2.01
CA LYS A 45 -9.06 21.38 2.15
C LYS A 45 -7.70 21.04 2.75
N THR A 46 -7.71 20.15 3.75
CA THR A 46 -6.48 19.67 4.37
C THR A 46 -5.83 18.68 3.42
N VAL A 47 -4.49 18.69 3.38
CA VAL A 47 -3.74 17.89 2.42
C VAL A 47 -2.45 17.36 3.02
N ALA A 48 -1.94 16.25 2.47
CA ALA A 48 -0.60 15.80 2.82
C ALA A 48 0.29 16.04 1.60
N VAL A 49 1.48 16.58 1.85
CA VAL A 49 2.36 16.95 0.76
C VAL A 49 3.69 16.23 0.83
N LYS A 50 4.05 15.55 -0.26
CA LYS A 50 5.38 14.97 -0.39
C LYS A 50 6.34 16.03 -0.92
N ILE A 51 7.40 16.29 -0.18
CA ILE A 51 8.38 17.31 -0.53
C ILE A 51 9.74 16.66 -0.77
N LEU A 52 10.35 16.96 -1.91
CA LEU A 52 11.55 16.23 -2.33
C LEU A 52 12.85 16.68 -1.70
N LYS A 53 13.74 15.72 -1.42
CA LYS A 53 15.16 16.03 -1.24
C LYS A 53 15.60 16.77 -2.50
N ASN A 54 15.83 18.06 -2.34
CA ASN A 54 16.16 18.96 -3.43
C ASN A 54 17.45 18.50 -4.12
N GLU A 55 17.31 17.87 -5.28
CA GLU A 55 18.31 16.94 -5.79
C GLU A 55 19.45 17.51 -6.64
N ALA A 56 20.66 17.42 -6.10
CA ALA A 56 21.90 17.32 -6.87
C ALA A 56 22.11 18.41 -7.90
N ASN A 57 22.20 18.01 -9.17
CA ASN A 57 21.02 17.77 -9.97
C ASN A 57 20.97 16.35 -10.52
N ASP A 58 20.27 15.49 -9.79
CA ASP A 58 20.12 14.09 -10.16
C ASP A 58 18.62 13.95 -10.33
N PRO A 59 18.19 13.92 -11.58
CA PRO A 59 16.76 13.96 -11.90
C PRO A 59 16.13 12.61 -11.68
N ALA A 60 16.61 11.85 -10.70
CA ALA A 60 16.04 10.53 -10.47
C ALA A 60 14.72 10.69 -9.74
N LEU A 61 14.79 11.28 -8.54
CA LEU A 61 13.61 11.53 -7.75
C LEU A 61 12.61 12.34 -8.56
N LYS A 62 13.12 13.25 -9.38
CA LYS A 62 12.26 14.23 -10.01
C LYS A 62 11.16 13.62 -10.87
N ASP A 63 11.50 12.60 -11.67
CA ASP A 63 10.50 12.03 -12.56
C ASP A 63 9.92 10.71 -12.04
N GLU A 64 10.43 10.25 -10.91
CA GLU A 64 9.75 9.22 -10.15
C GLU A 64 8.46 9.85 -9.63
N LEU A 65 8.61 11.05 -9.07
CA LEU A 65 7.47 11.83 -8.62
C LEU A 65 6.50 12.12 -9.76
N LEU A 66 7.03 12.43 -10.95
CA LEU A 66 6.17 12.74 -12.10
C LEU A 66 5.38 11.50 -12.53
N ALA A 67 6.06 10.36 -12.60
CA ALA A 67 5.40 9.12 -12.98
C ALA A 67 4.36 8.74 -11.93
N GLU A 68 4.78 8.75 -10.67
CA GLU A 68 3.87 8.49 -9.57
C GLU A 68 2.58 9.29 -9.67
N ALA A 69 2.72 10.58 -9.94
CA ALA A 69 1.56 11.46 -10.01
C ALA A 69 0.72 11.16 -11.24
N ASN A 70 1.36 10.82 -12.35
CA ASN A 70 0.60 10.46 -13.53
C ASN A 70 -0.18 9.16 -13.30
N VAL A 71 0.45 8.22 -12.60
CA VAL A 71 -0.25 7.02 -12.18
C VAL A 71 -1.53 7.42 -11.42
N MET A 72 -1.37 8.25 -10.40
CA MET A 72 -2.45 8.51 -9.45
C MET A 72 -3.63 9.28 -10.05
N GLN A 73 -3.37 10.09 -11.06
CA GLN A 73 -4.45 10.87 -11.66
C GLN A 73 -5.36 10.00 -12.53
N GLN A 74 -4.92 8.78 -12.82
CA GLN A 74 -5.73 7.85 -13.59
C GLN A 74 -6.63 7.03 -12.67
N LEU A 75 -6.34 7.10 -11.37
CA LEU A 75 -7.00 6.26 -10.37
C LEU A 75 -8.16 6.96 -9.68
N ASP A 76 -9.33 6.33 -9.74
CA ASP A 76 -10.53 6.89 -9.13
C ASP A 76 -11.25 5.79 -8.35
N ASN A 77 -11.17 5.84 -7.03
CA ASN A 77 -11.69 4.76 -6.18
C ASN A 77 -11.64 5.19 -4.73
N PRO A 78 -12.66 4.83 -3.95
CA PRO A 78 -12.72 5.29 -2.56
C PRO A 78 -11.66 4.71 -1.61
N TYR A 79 -10.97 3.65 -2.01
CA TYR A 79 -9.94 3.07 -1.16
C TYR A 79 -8.53 3.28 -1.69
N ILE A 80 -8.42 4.20 -2.66
CA ILE A 80 -7.12 4.69 -3.11
C ILE A 80 -6.95 6.16 -2.69
N VAL A 81 -5.81 6.53 -2.12
CA VAL A 81 -5.58 7.95 -1.82
C VAL A 81 -5.67 8.77 -3.11
N ARG A 82 -6.29 9.94 -3.02
CA ARG A 82 -6.44 10.83 -4.17
C ARG A 82 -5.33 11.87 -4.27
N MET A 83 -4.75 12.01 -5.45
CA MET A 83 -3.83 13.11 -5.71
C MET A 83 -4.62 14.39 -5.98
N ILE A 84 -4.24 15.47 -5.32
CA ILE A 84 -4.82 16.78 -5.61
C ILE A 84 -4.08 17.39 -6.81
N GLY A 85 -2.75 17.30 -6.79
CA GLY A 85 -1.96 17.78 -7.90
C GLY A 85 -0.50 17.94 -7.55
N ILE A 86 0.28 18.50 -8.46
CA ILE A 86 1.69 18.76 -8.19
C ILE A 86 1.97 20.25 -8.20
N CYS A 87 3.11 20.65 -7.64
CA CYS A 87 3.48 22.05 -7.54
C CYS A 87 4.99 22.17 -7.53
N GLU A 88 5.53 23.00 -8.41
CA GLU A 88 6.97 23.21 -8.42
C GLU A 88 7.33 24.53 -7.76
N ALA A 89 8.13 24.45 -6.70
CA ALA A 89 8.58 25.64 -6.03
C ALA A 89 10.01 25.40 -5.54
N GLU A 90 10.30 25.83 -4.32
CA GLU A 90 11.61 25.57 -3.73
C GLU A 90 12.06 24.17 -4.15
N SER A 91 11.18 23.20 -3.92
CA SER A 91 11.37 21.84 -4.42
C SER A 91 10.07 21.33 -5.04
N TRP A 92 10.10 20.09 -5.54
CA TRP A 92 8.90 19.47 -6.09
C TRP A 92 7.98 18.92 -5.00
N MET A 93 6.68 19.16 -5.16
CA MET A 93 5.69 18.75 -4.16
C MET A 93 4.54 17.96 -4.77
N LEU A 94 4.27 16.77 -4.23
CA LEU A 94 3.08 16.02 -4.61
C LEU A 94 2.04 16.22 -3.51
N VAL A 95 0.88 16.75 -3.88
CA VAL A 95 -0.15 17.14 -2.92
C VAL A 95 -1.33 16.19 -2.98
N MET A 96 -1.65 15.58 -1.84
CA MET A 96 -2.67 14.53 -1.77
C MET A 96 -3.73 14.86 -0.74
N GLU A 97 -4.92 14.30 -0.90
CA GLU A 97 -5.88 14.35 0.19
C GLU A 97 -5.24 13.68 1.41
N MET A 98 -5.58 14.19 2.60
CA MET A 98 -4.96 13.76 3.84
C MET A 98 -5.70 12.59 4.51
N ALA A 99 -4.97 11.54 4.88
CA ALA A 99 -5.49 10.49 5.76
C ALA A 99 -4.92 10.71 7.15
N GLU A 100 -5.72 11.27 8.04
CA GLU A 100 -5.21 11.89 9.28
C GLU A 100 -4.59 10.90 10.25
N LEU A 101 -5.18 9.71 10.36
CA LEU A 101 -4.72 8.73 11.34
C LEU A 101 -3.43 8.02 10.93
N GLY A 102 -2.98 8.23 9.69
CA GLY A 102 -1.66 7.79 9.31
C GLY A 102 -1.51 6.30 9.02
N PRO A 103 -0.27 5.82 8.84
CA PRO A 103 -0.01 4.46 8.36
C PRO A 103 -0.59 3.39 9.28
N LEU A 104 -1.17 2.36 8.65
CA LEU A 104 -1.85 1.31 9.38
C LEU A 104 -0.95 0.64 10.42
N ASN A 105 0.32 0.41 10.09
CA ASN A 105 1.14 -0.39 10.99
C ASN A 105 1.46 0.36 12.29
N LYS A 106 1.76 1.65 12.19
CA LYS A 106 2.01 2.48 13.37
C LYS A 106 0.75 2.56 14.22
N TYR A 107 -0.39 2.71 13.56
CA TYR A 107 -1.65 2.82 14.26
C TYR A 107 -1.94 1.61 15.13
N LEU A 108 -1.80 0.41 14.57
CA LEU A 108 -2.08 -0.80 15.33
C LEU A 108 -1.04 -1.05 16.40
N GLN A 109 0.17 -0.56 16.18
CA GLN A 109 1.24 -0.63 17.18
C GLN A 109 0.87 0.22 18.41
N GLN A 110 0.09 1.28 18.17
CA GLN A 110 -0.28 2.23 19.21
C GLN A 110 -1.69 2.00 19.71
N ASN A 111 -2.32 0.94 19.22
CA ASN A 111 -3.69 0.63 19.62
C ASN A 111 -3.87 -0.89 19.63
N ARG A 112 -3.21 -1.53 20.58
CA ARG A 112 -3.15 -3.00 20.63
C ARG A 112 -4.52 -3.64 20.84
N HIS A 113 -5.55 -2.83 21.05
CA HIS A 113 -6.84 -3.38 21.39
C HIS A 113 -7.96 -3.00 20.43
N VAL A 114 -7.57 -2.63 19.21
CA VAL A 114 -8.50 -2.63 18.09
C VAL A 114 -9.03 -4.05 17.93
N LYS A 115 -10.32 -4.17 17.64
CA LYS A 115 -10.97 -5.48 17.64
C LYS A 115 -10.73 -6.24 16.34
N ASP A 116 -10.68 -7.57 16.45
CA ASP A 116 -10.41 -8.41 15.31
C ASP A 116 -11.30 -8.08 14.12
N LYS A 117 -12.59 -7.89 14.39
CA LYS A 117 -13.56 -7.58 13.35
C LYS A 117 -13.24 -6.27 12.65
N ASN A 118 -12.67 -5.33 13.40
CA ASN A 118 -12.29 -4.03 12.87
C ASN A 118 -11.08 -4.22 11.94
N ILE A 119 -10.18 -5.13 12.32
CA ILE A 119 -9.04 -5.45 11.47
C ILE A 119 -9.45 -6.12 10.15
N ILE A 120 -10.46 -6.98 10.19
CA ILE A 120 -10.99 -7.59 8.98
C ILE A 120 -11.60 -6.54 8.06
N GLU A 121 -12.35 -5.62 8.66
CA GLU A 121 -12.97 -4.52 7.92
C GLU A 121 -11.92 -3.74 7.13
N LEU A 122 -10.85 -3.36 7.79
CA LEU A 122 -9.83 -2.55 7.17
C LEU A 122 -9.10 -3.27 6.03
N VAL A 123 -8.74 -4.55 6.22
CA VAL A 123 -8.00 -5.27 5.18
C VAL A 123 -8.88 -5.65 3.99
N HIS A 124 -10.15 -5.91 4.25
CA HIS A 124 -11.11 -6.10 3.15
C HIS A 124 -11.21 -4.82 2.31
N GLN A 125 -11.27 -3.67 2.98
CA GLN A 125 -11.26 -2.39 2.26
C GLN A 125 -10.04 -2.27 1.34
N VAL A 126 -8.90 -2.75 1.80
CA VAL A 126 -7.70 -2.76 0.98
C VAL A 126 -7.83 -3.68 -0.24
N SER A 127 -8.48 -4.83 -0.06
CA SER A 127 -8.68 -5.76 -1.19
C SER A 127 -9.63 -5.18 -2.24
N MET A 128 -10.61 -4.39 -1.81
CA MET A 128 -11.47 -3.68 -2.75
C MET A 128 -10.69 -2.67 -3.57
N GLY A 129 -9.80 -1.92 -2.92
CA GLY A 129 -8.93 -1.02 -3.65
C GLY A 129 -8.02 -1.78 -4.61
N MET A 130 -7.49 -2.92 -4.18
CA MET A 130 -6.61 -3.70 -5.05
C MET A 130 -7.37 -4.44 -6.15
N LYS A 131 -8.59 -4.89 -5.85
CA LYS A 131 -9.43 -5.45 -6.88
C LYS A 131 -9.61 -4.42 -7.99
N TYR A 132 -10.02 -3.21 -7.62
CA TYR A 132 -10.12 -2.13 -8.59
C TYR A 132 -8.80 -1.91 -9.34
N LEU A 133 -7.68 -1.92 -8.64
CA LEU A 133 -6.39 -1.65 -9.26
C LEU A 133 -6.06 -2.76 -10.26
N GLU A 134 -6.45 -3.98 -9.91
CA GLU A 134 -6.23 -5.12 -10.77
C GLU A 134 -7.03 -4.92 -12.05
N GLU A 135 -8.34 -4.70 -11.91
CA GLU A 135 -9.20 -4.44 -13.06
C GLU A 135 -8.62 -3.35 -13.97
N SER A 136 -7.88 -2.41 -13.39
CA SER A 136 -7.36 -1.27 -14.14
C SER A 136 -5.99 -1.55 -14.75
N ASN A 137 -5.49 -2.77 -14.52
CA ASN A 137 -4.19 -3.20 -15.01
C ASN A 137 -3.06 -2.25 -14.59
N PHE A 138 -3.11 -1.85 -13.32
CA PHE A 138 -1.97 -1.21 -12.67
C PHE A 138 -1.41 -2.18 -11.64
N VAL A 139 -0.10 -2.15 -11.46
CA VAL A 139 0.54 -2.90 -10.38
C VAL A 139 1.16 -1.94 -9.38
N HIS A 140 1.01 -2.26 -8.10
CA HIS A 140 1.44 -1.35 -7.04
C HIS A 140 2.91 -1.50 -6.68
N ARG A 141 3.35 -2.74 -6.47
CA ARG A 141 4.75 -3.06 -6.24
C ARG A 141 5.32 -2.55 -4.92
N ASP A 142 4.49 -1.98 -4.06
CA ASP A 142 4.96 -1.63 -2.71
C ASP A 142 3.87 -1.79 -1.65
N LEU A 143 3.11 -2.88 -1.76
CA LEU A 143 1.93 -3.04 -0.93
C LEU A 143 2.29 -3.60 0.45
N ALA A 144 2.28 -2.74 1.45
CA ALA A 144 2.70 -3.06 2.81
C ALA A 144 1.82 -2.23 3.77
N ALA A 145 1.84 -2.56 5.05
CA ALA A 145 1.00 -1.85 6.02
C ALA A 145 1.44 -0.41 6.24
N ARG A 146 2.73 -0.10 6.04
CA ARG A 146 3.19 1.27 6.17
C ARG A 146 2.57 2.12 5.07
N ASN A 147 2.10 1.47 4.00
CA ASN A 147 1.53 2.17 2.85
C ASN A 147 0.00 2.05 2.76
N VAL A 148 -0.62 1.61 3.85
CA VAL A 148 -2.06 1.76 3.99
C VAL A 148 -2.31 2.85 5.02
N LEU A 149 -3.19 3.78 4.69
CA LEU A 149 -3.40 4.94 5.54
C LEU A 149 -4.83 4.97 6.07
N LEU A 150 -4.98 5.43 7.30
CA LEU A 150 -6.30 5.42 7.89
C LEU A 150 -6.92 6.81 7.85
N VAL A 151 -8.06 6.91 7.18
CA VAL A 151 -8.84 8.13 7.20
C VAL A 151 -9.64 8.18 8.51
N THR A 152 -10.30 7.07 8.83
CA THR A 152 -10.76 6.83 10.21
C THR A 152 -10.34 5.41 10.63
N GLN A 153 -10.66 5.05 11.87
CA GLN A 153 -10.36 3.71 12.36
C GLN A 153 -11.19 2.68 11.62
N HIS A 154 -12.12 3.14 10.80
CA HIS A 154 -12.90 2.25 9.95
C HIS A 154 -12.84 2.60 8.46
N TYR A 155 -11.85 3.38 8.05
CA TYR A 155 -11.73 3.72 6.63
C TYR A 155 -10.27 3.76 6.18
N ALA A 156 -9.83 2.71 5.49
CA ALA A 156 -8.46 2.60 4.99
C ALA A 156 -8.35 2.97 3.52
N LYS A 157 -7.20 3.55 3.15
CA LYS A 157 -6.89 3.82 1.76
C LYS A 157 -5.46 3.40 1.45
N ILE A 158 -5.25 2.97 0.21
CA ILE A 158 -3.94 2.60 -0.27
C ILE A 158 -3.22 3.83 -0.81
N SER A 159 -1.96 4.02 -0.42
CA SER A 159 -1.18 5.12 -0.97
C SER A 159 0.22 4.66 -1.40
N ASP A 160 1.09 5.64 -1.62
CA ASP A 160 2.50 5.41 -1.91
C ASP A 160 2.72 4.60 -3.19
N PHE A 161 2.40 5.24 -4.31
CA PHE A 161 2.50 4.65 -5.65
C PHE A 161 3.82 4.94 -6.35
N GLY A 162 4.89 5.13 -5.58
CA GLY A 162 6.20 5.39 -6.17
C GLY A 162 6.81 4.29 -7.02
N LEU A 163 6.51 3.02 -6.73
CA LEU A 163 7.06 1.92 -7.52
C LEU A 163 6.05 1.36 -8.52
N SER A 164 4.91 2.03 -8.66
CA SER A 164 3.79 1.52 -9.43
C SER A 164 4.01 1.59 -10.95
N LYS A 165 3.40 0.65 -11.67
CA LYS A 165 3.48 0.63 -13.13
C LYS A 165 2.11 0.38 -13.74
N ALA A 166 1.82 1.11 -14.81
CA ALA A 166 0.69 0.77 -15.66
C ALA A 166 1.20 -0.30 -16.63
N LEU A 167 0.48 -1.41 -16.72
CA LEU A 167 0.88 -2.48 -17.61
C LEU A 167 0.58 -2.12 -19.07
N ARG A 168 1.45 -2.61 -19.97
CA ARG A 168 1.21 -2.50 -21.39
C ARG A 168 0.00 -3.33 -21.78
N ALA A 169 -0.75 -2.86 -22.77
CA ALA A 169 -1.91 -3.59 -23.27
C ALA A 169 -1.60 -5.00 -23.79
N ASP A 170 -0.33 -5.33 -23.97
CA ASP A 170 0.00 -6.65 -24.53
C ASP A 170 0.62 -7.63 -23.54
N GLU A 171 0.84 -7.20 -22.29
CA GLU A 171 1.36 -8.14 -21.31
C GLU A 171 0.69 -8.04 -19.95
N ASN A 172 0.88 -9.09 -19.15
CA ASN A 172 0.18 -9.27 -17.89
C ASN A 172 1.07 -8.99 -16.69
N TYR A 173 2.32 -8.62 -16.97
CA TYR A 173 3.28 -8.36 -15.92
C TYR A 173 4.18 -7.21 -16.35
N TYR A 174 4.97 -6.69 -15.40
CA TYR A 174 5.98 -5.69 -15.71
C TYR A 174 7.34 -6.27 -15.38
N LYS A 175 8.33 -5.94 -16.22
CA LYS A 175 9.65 -6.52 -16.09
C LYS A 175 10.67 -5.48 -15.61
N ALA A 176 11.11 -5.60 -14.36
CA ALA A 176 12.11 -4.69 -13.84
C ALA A 176 13.42 -4.96 -14.56
N GLN A 177 14.27 -3.95 -14.66
CA GLN A 177 15.50 -4.06 -15.42
C GLN A 177 16.66 -3.83 -14.48
N THR A 178 16.47 -2.82 -13.63
CA THR A 178 17.50 -2.38 -12.71
C THR A 178 16.79 -2.36 -11.37
N HIS A 179 17.38 -1.68 -10.38
CA HIS A 179 16.64 -1.19 -9.22
C HIS A 179 17.49 -0.75 -8.04
N GLY A 180 16.89 0.05 -7.16
CA GLY A 180 17.42 0.28 -5.84
C GLY A 180 16.90 -0.79 -4.89
N LYS A 181 16.95 -0.52 -3.59
CA LYS A 181 16.47 -1.50 -2.60
C LYS A 181 15.05 -1.94 -2.94
N TRP A 182 14.80 -3.23 -2.79
CA TRP A 182 13.45 -3.74 -2.92
C TRP A 182 12.94 -4.20 -1.54
N PRO A 183 11.68 -3.88 -1.22
CA PRO A 183 11.06 -4.41 0.01
C PRO A 183 10.89 -5.92 -0.10
N VAL A 184 12.03 -6.62 -0.08
CA VAL A 184 12.12 -8.03 -0.41
C VAL A 184 11.16 -8.93 0.37
N LYS A 185 10.93 -8.58 1.63
CA LYS A 185 10.08 -9.39 2.49
C LYS A 185 8.60 -9.39 2.05
N TRP A 186 8.23 -8.40 1.23
CA TRP A 186 6.85 -8.34 0.72
C TRP A 186 6.73 -8.90 -0.71
N TYR A 187 7.85 -9.30 -1.31
CA TYR A 187 7.89 -9.63 -2.73
C TYR A 187 7.75 -11.12 -3.00
N ALA A 188 6.96 -11.46 -4.02
CA ALA A 188 6.72 -12.85 -4.40
C ALA A 188 7.98 -13.46 -5.04
N PRO A 189 8.09 -14.79 -5.00
CA PRO A 189 9.31 -15.42 -5.51
C PRO A 189 9.62 -15.09 -6.98
N GLU A 190 8.59 -14.95 -7.81
CA GLU A 190 8.81 -14.64 -9.21
C GLU A 190 9.37 -13.23 -9.41
N CYS A 191 9.18 -12.36 -8.42
CA CYS A 191 9.72 -11.00 -8.47
C CYS A 191 11.22 -11.06 -8.25
N ILE A 192 11.62 -11.82 -7.24
CA ILE A 192 13.02 -11.96 -6.89
C ILE A 192 13.76 -12.82 -7.91
N ASN A 193 13.07 -13.81 -8.46
CA ASN A 193 13.71 -14.76 -9.37
C ASN A 193 13.76 -14.23 -10.80
N TYR A 194 12.64 -13.72 -11.29
CA TYR A 194 12.54 -13.32 -12.70
C TYR A 194 12.28 -11.82 -12.87
N TYR A 195 12.19 -11.10 -11.76
CA TYR A 195 11.92 -9.66 -11.78
C TYR A 195 10.61 -9.35 -12.50
N LYS A 196 9.66 -10.28 -12.45
CA LYS A 196 8.35 -10.04 -13.06
C LYS A 196 7.30 -9.67 -12.01
N PHE A 197 6.65 -8.53 -12.20
CA PHE A 197 5.65 -8.03 -11.26
C PHE A 197 4.27 -7.95 -11.92
N SER A 198 3.29 -8.60 -11.30
CA SER A 198 1.93 -8.62 -11.83
C SER A 198 0.96 -8.43 -10.66
N SER A 199 -0.34 -8.43 -10.94
CA SER A 199 -1.32 -8.37 -9.86
C SER A 199 -1.23 -9.57 -8.90
N LYS A 200 -0.94 -10.76 -9.44
CA LYS A 200 -0.72 -11.94 -8.61
C LYS A 200 0.39 -11.72 -7.57
N SER A 201 1.43 -10.95 -7.91
CA SER A 201 2.49 -10.74 -6.94
C SER A 201 2.13 -9.66 -5.94
N ASP A 202 1.31 -8.69 -6.34
CA ASP A 202 0.66 -7.81 -5.38
C ASP A 202 -0.19 -8.67 -4.41
N VAL A 203 -0.83 -9.72 -4.94
CA VAL A 203 -1.63 -10.61 -4.09
C VAL A 203 -0.73 -11.23 -3.02
N TRP A 204 0.47 -11.62 -3.40
CA TRP A 204 1.43 -12.15 -2.44
C TRP A 204 1.76 -11.14 -1.33
N SER A 205 2.05 -9.88 -1.71
CA SER A 205 2.31 -8.82 -0.74
C SER A 205 1.10 -8.59 0.16
N PHE A 206 -0.11 -8.60 -0.42
CA PHE A 206 -1.32 -8.40 0.37
C PHE A 206 -1.34 -9.44 1.49
N GLY A 207 -0.93 -10.67 1.15
CA GLY A 207 -0.80 -11.70 2.17
C GLY A 207 0.09 -11.28 3.33
N VAL A 208 1.27 -10.72 3.03
CA VAL A 208 2.16 -10.25 4.10
C VAL A 208 1.49 -9.10 4.85
N LEU A 209 0.82 -8.20 4.13
CA LEU A 209 0.05 -7.11 4.72
C LEU A 209 -1.01 -7.62 5.72
N MET A 210 -1.74 -8.68 5.37
CA MET A 210 -2.71 -9.27 6.31
C MET A 210 -1.99 -9.67 7.58
N TRP A 211 -0.85 -10.34 7.43
CA TRP A 211 -0.12 -10.84 8.59
C TRP A 211 0.34 -9.69 9.49
N GLU A 212 0.87 -8.63 8.89
CA GLU A 212 1.23 -7.43 9.66
C GLU A 212 0.01 -6.91 10.43
N ALA A 213 -1.13 -6.82 9.73
CA ALA A 213 -2.35 -6.27 10.31
C ALA A 213 -2.84 -7.09 11.51
N PHE A 214 -2.94 -8.40 11.36
CA PHE A 214 -3.40 -9.23 12.46
C PHE A 214 -2.34 -9.37 13.55
N SER A 215 -1.10 -8.98 13.24
CA SER A 215 -0.04 -8.91 14.24
C SER A 215 0.13 -7.49 14.80
N TYR A 216 -0.87 -6.65 14.57
CA TYR A 216 -0.91 -5.29 15.13
C TYR A 216 0.35 -4.48 14.83
N GLY A 217 0.87 -4.64 13.62
CA GLY A 217 1.89 -3.75 13.13
C GLY A 217 3.30 -4.25 13.34
N GLN A 218 3.44 -5.50 13.72
CA GLN A 218 4.77 -6.10 13.88
C GLN A 218 5.36 -6.51 12.53
N LYS A 219 6.68 -6.50 12.45
CA LYS A 219 7.38 -6.74 11.21
C LYS A 219 7.33 -8.21 10.82
N PRO A 220 7.24 -8.49 9.51
CA PRO A 220 7.29 -9.86 9.01
C PRO A 220 8.73 -10.41 9.05
N TYR A 221 8.85 -11.74 9.10
CA TYR A 221 10.16 -12.40 9.08
C TYR A 221 11.13 -11.74 10.04
N ARG A 222 10.69 -11.60 11.29
CA ARG A 222 11.46 -10.91 12.32
C ARG A 222 12.90 -11.46 12.43
N GLY A 223 13.87 -10.56 12.34
CA GLY A 223 15.26 -10.94 12.55
C GLY A 223 15.95 -11.72 11.43
N MET A 224 15.33 -11.79 10.26
CA MET A 224 15.94 -12.50 9.13
C MET A 224 16.37 -11.51 8.03
N LYS A 225 17.42 -11.85 7.31
CA LYS A 225 17.82 -11.06 6.15
C LYS A 225 17.22 -11.65 4.88
N GLY A 226 17.22 -10.86 3.81
CA GLY A 226 16.58 -11.29 2.59
C GLY A 226 16.86 -12.73 2.22
N SER A 227 18.10 -13.17 2.40
CA SER A 227 18.49 -14.51 2.01
C SER A 227 17.89 -15.58 2.91
N GLU A 228 17.87 -15.33 4.21
CA GLU A 228 17.22 -16.25 5.12
C GLU A 228 15.73 -16.36 4.80
N VAL A 229 15.14 -15.26 4.35
CA VAL A 229 13.74 -15.25 3.95
C VAL A 229 13.50 -16.09 2.71
N THR A 230 14.37 -15.91 1.72
CA THR A 230 14.31 -16.69 0.49
C THR A 230 14.54 -18.16 0.83
N ALA A 231 15.48 -18.42 1.71
CA ALA A 231 15.76 -19.79 2.14
C ALA A 231 14.50 -20.44 2.70
N MET A 232 13.90 -19.80 3.70
CA MET A 232 12.67 -20.32 4.34
C MET A 232 11.57 -20.66 3.34
N LEU A 233 11.30 -19.75 2.42
CA LEU A 233 10.17 -19.89 1.51
C LEU A 233 10.36 -21.02 0.50
N GLU A 234 11.60 -21.23 0.09
CA GLU A 234 11.87 -22.33 -0.82
C GLU A 234 11.65 -23.69 -0.16
N LYS A 235 11.88 -23.76 1.15
CA LYS A 235 11.59 -24.98 1.92
C LYS A 235 10.09 -25.15 2.11
N GLY A 236 9.31 -24.24 1.52
CA GLY A 236 7.87 -24.33 1.59
C GLY A 236 7.35 -23.85 2.94
N GLU A 237 8.19 -23.16 3.70
CA GLU A 237 7.78 -22.67 5.00
C GLU A 237 7.18 -21.26 4.94
N ARG A 238 6.29 -20.98 5.90
CA ARG A 238 5.49 -19.75 5.89
C ARG A 238 5.32 -19.27 7.33
N MET A 239 5.21 -17.95 7.51
CA MET A 239 4.92 -17.38 8.82
C MET A 239 3.65 -18.02 9.40
N GLY A 240 3.63 -18.21 10.72
CA GLY A 240 2.50 -18.86 11.37
C GLY A 240 1.35 -17.93 11.68
N CYS A 241 0.33 -18.48 12.33
CA CYS A 241 -0.92 -17.76 12.59
C CYS A 241 -0.75 -16.76 13.74
N PRO A 242 -1.00 -15.46 13.46
CA PRO A 242 -0.84 -14.47 14.53
C PRO A 242 -1.80 -14.75 15.69
N ALA A 243 -1.42 -14.33 16.88
CA ALA A 243 -2.24 -14.52 18.07
C ALA A 243 -3.63 -13.93 17.83
N GLY A 244 -4.64 -14.78 17.91
CA GLY A 244 -6.01 -14.29 17.91
C GLY A 244 -6.57 -14.06 16.52
N CYS A 245 -5.78 -14.38 15.51
CA CYS A 245 -6.24 -14.27 14.13
C CYS A 245 -7.12 -15.47 13.77
N PRO A 246 -8.30 -15.21 13.20
CA PRO A 246 -9.18 -16.34 12.85
C PRO A 246 -8.60 -17.27 11.79
N ARG A 247 -8.88 -18.55 11.93
CA ARG A 247 -8.29 -19.56 11.07
C ARG A 247 -8.64 -19.30 9.61
N GLU A 248 -9.83 -18.78 9.34
CA GLU A 248 -10.23 -18.50 7.98
C GLU A 248 -9.35 -17.43 7.34
N MET A 249 -8.90 -16.48 8.16
CA MET A 249 -8.07 -15.39 7.66
C MET A 249 -6.62 -15.85 7.52
N TYR A 250 -6.20 -16.80 8.33
CA TYR A 250 -4.88 -17.38 8.14
C TYR A 250 -4.81 -18.26 6.90
N ASP A 251 -5.88 -19.00 6.61
CA ASP A 251 -5.89 -19.85 5.42
C ASP A 251 -5.77 -18.96 4.17
N LEU A 252 -6.37 -17.77 4.23
CA LEU A 252 -6.36 -16.85 3.11
C LEU A 252 -4.96 -16.24 2.92
N MET A 253 -4.28 -15.99 4.03
CA MET A 253 -2.87 -15.60 4.00
C MET A 253 -2.04 -16.60 3.21
N ASN A 254 -2.17 -17.89 3.55
CA ASN A 254 -1.34 -18.92 2.94
C ASN A 254 -1.69 -19.08 1.48
N LEU A 255 -2.97 -18.90 1.17
CA LEU A 255 -3.42 -18.94 -0.21
C LEU A 255 -2.81 -17.79 -1.02
N CYS A 256 -2.51 -16.67 -0.35
CA CYS A 256 -1.88 -15.55 -1.04
C CYS A 256 -0.41 -15.85 -1.29
N TRP A 257 0.15 -16.70 -0.42
CA TRP A 257 1.54 -17.14 -0.54
C TRP A 257 1.66 -18.45 -1.35
N THR A 258 0.83 -18.59 -2.39
CA THR A 258 0.95 -19.73 -3.29
C THR A 258 2.15 -19.53 -4.21
N TYR A 259 3.17 -20.36 -4.03
CA TYR A 259 4.43 -20.22 -4.74
C TYR A 259 4.21 -20.02 -6.24
N ASP A 260 3.34 -20.83 -6.81
CA ASP A 260 3.14 -20.88 -8.25
C ASP A 260 2.12 -19.84 -8.71
N VAL A 261 2.58 -18.87 -9.49
CA VAL A 261 1.75 -17.72 -9.84
C VAL A 261 0.41 -18.17 -10.43
N GLU A 262 0.48 -19.12 -11.34
CA GLU A 262 -0.69 -19.62 -12.04
C GLU A 262 -1.77 -20.12 -11.11
N ASN A 263 -1.39 -20.67 -9.96
CA ASN A 263 -2.36 -21.18 -8.99
C ASN A 263 -2.63 -20.22 -7.84
N ARG A 264 -1.93 -19.09 -7.82
CA ARG A 264 -2.18 -18.08 -6.80
C ARG A 264 -3.39 -17.27 -7.22
N PRO A 265 -4.33 -17.01 -6.31
CA PRO A 265 -5.57 -16.29 -6.66
C PRO A 265 -5.33 -14.82 -7.03
N GLY A 266 -6.30 -14.23 -7.72
CA GLY A 266 -6.28 -12.80 -7.99
C GLY A 266 -7.22 -12.08 -7.03
N PHE A 267 -7.23 -10.75 -7.06
CA PHE A 267 -7.92 -9.97 -6.04
C PHE A 267 -9.44 -10.08 -6.04
N ALA A 268 -10.02 -10.44 -7.19
CA ALA A 268 -11.45 -10.71 -7.22
C ALA A 268 -11.80 -11.87 -6.29
N ALA A 269 -11.06 -12.97 -6.40
CA ALA A 269 -11.27 -14.10 -5.51
C ALA A 269 -10.95 -13.73 -4.06
N VAL A 270 -9.90 -12.94 -3.87
CA VAL A 270 -9.47 -12.58 -2.51
C VAL A 270 -10.44 -11.59 -1.87
N GLU A 271 -10.93 -10.64 -2.66
CA GLU A 271 -11.91 -9.68 -2.15
C GLU A 271 -13.23 -10.36 -1.78
N LEU A 272 -13.67 -11.32 -2.58
CA LEU A 272 -14.93 -12.02 -2.32
C LEU A 272 -14.82 -12.87 -1.05
N ARG A 273 -13.67 -13.54 -0.92
CA ARG A 273 -13.42 -14.34 0.28
C ARG A 273 -13.46 -13.49 1.54
N LEU A 274 -12.91 -12.28 1.47
CA LEU A 274 -12.89 -11.40 2.62
C LEU A 274 -14.26 -10.78 2.87
N ARG A 275 -14.95 -10.46 1.78
CA ARG A 275 -16.25 -9.80 1.88
C ARG A 275 -17.25 -10.71 2.58
N ASN A 276 -17.32 -11.97 2.14
CA ASN A 276 -18.18 -12.97 2.77
C ASN A 276 -17.82 -13.19 4.23
N TYR A 277 -16.53 -13.36 4.53
CA TYR A 277 -16.16 -13.62 5.93
C TYR A 277 -16.45 -12.45 6.86
N TYR A 278 -16.40 -11.22 6.33
CA TYR A 278 -16.69 -10.07 7.17
C TYR A 278 -18.17 -10.04 7.55
N TYR A 279 -19.03 -10.43 6.61
CA TYR A 279 -20.46 -10.45 6.89
C TYR A 279 -20.85 -11.61 7.81
N ASP A 280 -20.18 -12.75 7.66
CA ASP A 280 -20.37 -13.85 8.59
C ASP A 280 -20.04 -13.36 10.00
N VAL A 281 -18.99 -12.56 10.14
CA VAL A 281 -18.57 -12.08 11.44
C VAL A 281 -19.51 -10.99 11.97
N VAL A 282 -20.03 -10.17 11.06
CA VAL A 282 -20.95 -9.12 11.43
C VAL A 282 -22.27 -9.74 11.88
N ASN A 283 -22.64 -10.85 11.24
CA ASN A 283 -23.82 -11.60 11.62
C ASN A 283 -23.69 -12.19 13.01
N GLU A 284 -22.59 -12.91 13.25
CA GLU A 284 -22.36 -13.54 14.54
C GLU A 284 -22.35 -12.50 15.66
N GLY A 285 -21.78 -11.34 15.37
CA GLY A 285 -21.66 -10.30 16.39
C GLY A 285 -23.00 -9.77 16.87
N HIS A 286 -23.98 -9.74 15.97
CA HIS A 286 -25.31 -9.25 16.31
C HIS A 286 -25.99 -10.20 17.28
N HIS A 287 -25.40 -11.37 17.48
CA HIS A 287 -25.95 -12.39 18.37
C HIS A 287 -25.33 -12.33 19.77
N3 0XF B . 1.73 9.36 1.95
C5 0XF B . -0.13 10.36 3.09
C6 0XF B . 0.50 10.18 4.35
C8 0XF B . 1.78 9.56 4.31
C13 0XF B . 1.47 10.56 11.08
C15 0XF B . -0.62 11.03 7.89
C20 0XF B . 6.21 6.19 5.73
C21 0XF B . 6.78 7.43 4.98
C22 0XF B . 5.92 7.84 3.78
C24 0XF B . 3.84 6.79 4.88
C26 0XF B . 4.72 6.35 6.08
C1 0XF B . 2.40 9.16 3.13
N2 0XF B . 3.64 8.55 3.09
N4 0XF B . 0.46 9.97 1.91
N7 0XF B . -0.12 10.58 5.55
C9 0XF B . -1.47 10.98 2.97
O10 0XF B . -2.15 11.22 3.97
N11 0XF B . -1.91 11.25 1.71
C12 0XF B . 1.07 10.56 9.64
C14 0XF B . -0.22 11.03 9.25
C16 0XF B . 0.29 10.57 6.92
N17 0XF B . 1.53 10.12 7.27
C18 0XF B . 1.93 10.11 8.59
C19 0XF B . 3.33 9.59 8.85
C23 0XF B . 4.46 8.10 4.23
N25 0XF B . 3.67 5.67 3.93
#